data_6KN3
#
_entry.id   6KN3
#
_entity_poly.entity_id   1
_entity_poly.type   'polypeptide(L)'
_entity_poly.pdbx_seq_one_letter_code
;GFRSPCPPFC(NH2)
;
_entity_poly.pdbx_strand_id   A
#
loop_
_chem_comp.id
_chem_comp.type
_chem_comp.name
_chem_comp.formula
NH2 non-polymer 'AMINO GROUP' 'H2 N'
#
# COMPACT_ATOMS: atom_id res chain seq x y z
N GLY A 1 7.08 -4.23 -3.97
CA GLY A 1 7.00 -3.88 -2.53
C GLY A 1 5.66 -3.33 -2.16
N PHE A 2 4.66 -4.17 -2.17
CA PHE A 2 3.30 -3.75 -1.83
C PHE A 2 3.02 -4.14 -0.40
N ARG A 3 2.23 -3.34 0.26
CA ARG A 3 2.01 -3.55 1.68
C ARG A 3 0.89 -2.65 2.19
N SER A 4 0.48 -2.82 3.43
CA SER A 4 -0.62 -2.04 3.97
C SER A 4 -0.07 -0.90 4.82
N PRO A 5 -0.73 0.27 4.80
CA PRO A 5 -1.94 0.48 4.00
C PRO A 5 -1.64 0.96 2.58
N CYS A 6 -0.41 1.37 2.33
CA CYS A 6 -0.04 1.91 1.01
C CYS A 6 1.33 1.38 0.60
N PRO A 7 1.55 1.11 -0.70
CA PRO A 7 0.53 1.25 -1.76
C PRO A 7 -0.29 -0.05 -1.95
N PRO A 8 -1.29 -0.06 -2.86
CA PRO A 8 -1.69 1.10 -3.64
C PRO A 8 -3.04 1.69 -3.20
N PHE A 9 -3.62 1.13 -2.15
CA PHE A 9 -4.90 1.61 -1.66
C PHE A 9 -4.69 2.60 -0.55
N CYS A 10 -4.39 3.82 -0.92
CA CYS A 10 -4.09 4.85 0.05
C CYS A 10 -5.08 6.00 -0.08
N NH2 A 11 -6.14 5.96 0.70
HN1 NH2 A 11 -6.22 5.20 1.33
HN2 NH2 A 11 -6.80 6.68 0.64
N GLY A 1 8.20 -3.49 -3.06
CA GLY A 1 7.98 -2.39 -2.10
C GLY A 1 6.52 -2.09 -1.90
N PHE A 2 5.82 -3.01 -1.27
CA PHE A 2 4.39 -2.85 -1.01
C PHE A 2 4.06 -3.07 0.46
N ARG A 3 3.21 -2.22 0.99
CA ARG A 3 2.76 -2.32 2.40
C ARG A 3 1.24 -2.15 2.40
N SER A 4 0.59 -2.36 3.54
CA SER A 4 -0.83 -2.19 3.60
C SER A 4 -1.19 -0.99 4.48
N PRO A 5 -2.08 -0.10 4.00
CA PRO A 5 -2.69 -0.20 2.68
C PRO A 5 -1.92 0.60 1.61
N CYS A 6 -0.87 1.30 2.01
CA CYS A 6 -0.12 2.16 1.07
C CYS A 6 1.21 1.51 0.66
N PRO A 7 1.41 1.20 -0.64
CA PRO A 7 0.42 1.36 -1.71
C PRO A 7 -0.29 0.02 -2.05
N PRO A 8 -1.26 0.02 -2.98
CA PRO A 8 -1.76 1.18 -3.69
C PRO A 8 -3.16 1.61 -3.20
N PHE A 9 -3.54 1.15 -2.01
CA PHE A 9 -4.86 1.44 -1.47
C PHE A 9 -4.79 2.61 -0.49
N CYS A 10 -3.97 3.59 -0.79
CA CYS A 10 -3.80 4.71 0.10
C CYS A 10 -4.73 5.86 -0.29
N NH2 A 11 -5.97 5.79 0.15
HN1 NH2 A 11 -6.22 5.01 0.70
HN2 NH2 A 11 -6.58 6.51 -0.09
N GLY A 1 8.12 -1.33 -2.33
CA GLY A 1 7.39 -2.61 -2.18
C GLY A 1 5.93 -2.39 -1.88
N PHE A 2 5.16 -3.46 -1.87
CA PHE A 2 3.74 -3.38 -1.60
C PHE A 2 3.44 -3.77 -0.18
N ARG A 3 2.41 -3.14 0.37
CA ARG A 3 2.04 -3.36 1.77
C ARG A 3 0.72 -2.65 2.05
N SER A 4 0.13 -2.86 3.23
CA SER A 4 -1.15 -2.26 3.52
C SER A 4 -0.99 -1.08 4.48
N PRO A 5 -1.72 0.03 4.25
CA PRO A 5 -2.61 0.17 3.10
C PRO A 5 -1.91 0.79 1.88
N CYS A 6 -0.76 1.41 2.09
CA CYS A 6 -0.08 2.11 0.98
C CYS A 6 1.25 1.46 0.63
N PRO A 7 1.48 1.12 -0.66
CA PRO A 7 0.49 1.27 -1.75
C PRO A 7 -0.29 -0.04 -1.99
N PRO A 8 -1.28 -0.03 -2.90
CA PRO A 8 -1.72 1.14 -3.65
C PRO A 8 -3.04 1.72 -3.14
N PHE A 9 -3.61 1.10 -2.11
CA PHE A 9 -4.89 1.53 -1.58
C PHE A 9 -4.70 2.56 -0.49
N CYS A 10 -4.18 3.70 -0.87
CA CYS A 10 -3.90 4.77 0.07
C CYS A 10 -4.88 5.91 -0.10
N NH2 A 11 -5.92 5.93 0.73
HN1 NH2 A 11 -5.96 5.24 1.42
HN2 NH2 A 11 -6.58 6.64 0.63
N GLY A 1 8.14 -0.31 -2.41
CA GLY A 1 7.71 -1.60 -1.83
C GLY A 1 6.22 -1.68 -1.71
N PHE A 2 5.74 -2.74 -1.10
CA PHE A 2 4.31 -2.93 -0.92
C PHE A 2 3.98 -3.11 0.54
N ARG A 3 2.87 -2.53 0.96
CA ARG A 3 2.44 -2.57 2.34
C ARG A 3 0.95 -2.12 2.36
N SER A 4 0.18 -2.48 3.38
CA SER A 4 -1.19 -2.06 3.44
C SER A 4 -1.32 -0.86 4.38
N PRO A 5 -2.08 0.17 3.99
CA PRO A 5 -2.78 0.21 2.72
C PRO A 5 -2.00 0.99 1.63
N CYS A 6 -0.79 1.41 1.95
CA CYS A 6 -0.02 2.21 1.01
C CYS A 6 1.29 1.52 0.64
N PRO A 7 1.49 1.13 -0.64
CA PRO A 7 0.49 1.28 -1.72
C PRO A 7 -0.31 -0.03 -1.93
N PRO A 8 -1.30 -0.02 -2.85
CA PRO A 8 -1.71 1.14 -3.63
C PRO A 8 -3.08 1.70 -3.18
N PHE A 9 -3.64 1.14 -2.13
CA PHE A 9 -4.97 1.55 -1.66
C PHE A 9 -4.86 2.59 -0.57
N CYS A 10 -4.07 3.62 -0.83
CA CYS A 10 -3.84 4.65 0.15
C CYS A 10 -4.77 5.84 -0.10
N NH2 A 11 -5.99 5.75 0.41
HN1 NH2 A 11 -6.21 4.94 0.92
HN2 NH2 A 11 -6.59 6.50 0.27
N GLY A 1 8.18 -2.00 -3.03
CA GLY A 1 7.55 -3.01 -2.18
C GLY A 1 6.15 -2.62 -1.79
N PHE A 2 5.34 -3.60 -1.43
CA PHE A 2 3.98 -3.33 -1.04
C PHE A 2 3.80 -3.43 0.46
N ARG A 3 3.09 -2.48 1.02
CA ARG A 3 2.80 -2.44 2.45
C ARG A 3 1.31 -2.18 2.61
N SER A 4 0.79 -2.27 3.83
CA SER A 4 -0.61 -2.05 4.04
C SER A 4 -0.86 -0.74 4.77
N PRO A 5 -1.77 0.12 4.26
CA PRO A 5 -2.49 -0.14 3.01
C PRO A 5 -1.81 0.48 1.78
N CYS A 6 -0.84 1.35 2.01
CA CYS A 6 -0.17 2.05 0.89
C CYS A 6 1.21 1.45 0.59
N PRO A 7 1.49 1.10 -0.68
CA PRO A 7 0.54 1.21 -1.80
C PRO A 7 -0.24 -0.11 -2.01
N PRO A 8 -1.24 -0.12 -2.91
CA PRO A 8 -1.66 1.03 -3.69
C PRO A 8 -2.96 1.65 -3.16
N PHE A 9 -3.49 1.11 -2.08
CA PHE A 9 -4.73 1.59 -1.52
C PHE A 9 -4.45 2.61 -0.45
N CYS A 10 -4.40 3.87 -0.83
CA CYS A 10 -4.08 4.91 0.11
C CYS A 10 -5.09 6.04 0.01
N NH2 A 11 -6.10 5.99 0.86
HN1 NH2 A 11 -6.14 5.25 1.49
HN2 NH2 A 11 -6.77 6.71 0.81
N GLY A 1 7.73 -1.65 -3.28
CA GLY A 1 7.25 -2.55 -2.22
C GLY A 1 5.78 -2.37 -1.95
N PHE A 2 5.01 -3.42 -2.12
CA PHE A 2 3.58 -3.36 -1.90
C PHE A 2 3.24 -3.92 -0.53
N ARG A 3 2.31 -3.26 0.13
CA ARG A 3 1.92 -3.63 1.49
C ARG A 3 0.68 -2.84 1.90
N SER A 4 0.11 -3.14 3.05
CA SER A 4 -1.12 -2.49 3.45
C SER A 4 -0.84 -1.33 4.42
N PRO A 5 -1.55 -0.21 4.25
CA PRO A 5 -2.52 -0.03 3.19
C PRO A 5 -1.92 0.65 1.95
N CYS A 6 -0.76 1.26 2.11
CA CYS A 6 -0.14 2.02 1.02
C CYS A 6 1.22 1.43 0.63
N PRO A 7 1.46 1.14 -0.66
CA PRO A 7 0.48 1.30 -1.75
C PRO A 7 -0.24 -0.03 -2.08
N PRO A 8 -1.23 -0.01 -3.00
CA PRO A 8 -1.72 1.17 -3.67
C PRO A 8 -3.09 1.63 -3.16
N PHE A 9 -3.48 1.13 -2.01
CA PHE A 9 -4.79 1.48 -1.45
C PHE A 9 -4.64 2.56 -0.40
N CYS A 10 -4.27 3.74 -0.83
CA CYS A 10 -4.04 4.83 0.09
C CYS A 10 -4.85 6.05 -0.32
N NH2 A 11 -6.10 6.10 0.11
HN1 NH2 A 11 -6.42 5.37 0.67
HN2 NH2 A 11 -6.64 6.87 -0.15
N GLY A 1 8.20 -1.54 -1.95
CA GLY A 1 7.61 -2.57 -1.08
C GLY A 1 6.16 -2.28 -0.78
N PHE A 2 5.42 -3.30 -0.41
CA PHE A 2 4.01 -3.13 -0.11
C PHE A 2 3.77 -3.00 1.36
N ARG A 3 2.84 -2.14 1.72
CA ARG A 3 2.54 -1.84 3.11
C ARG A 3 1.05 -1.50 3.23
N SER A 4 0.55 -1.34 4.44
CA SER A 4 -0.83 -1.00 4.64
C SER A 4 -0.95 0.44 5.15
N PRO A 5 -1.80 1.27 4.53
CA PRO A 5 -2.61 0.89 3.38
C PRO A 5 -1.95 1.23 2.04
N CYS A 6 -0.81 1.90 2.09
CA CYS A 6 -0.14 2.37 0.87
C CYS A 6 1.15 1.58 0.64
N PRO A 7 1.38 1.07 -0.60
CA PRO A 7 0.44 1.18 -1.73
C PRO A 7 -0.40 -0.11 -1.89
N PRO A 8 -1.35 -0.14 -2.84
CA PRO A 8 -1.69 0.99 -3.69
C PRO A 8 -2.97 1.71 -3.24
N PHE A 9 -3.70 1.10 -2.31
CA PHE A 9 -4.94 1.68 -1.82
C PHE A 9 -4.64 2.59 -0.65
N CYS A 10 -4.02 3.70 -0.94
CA CYS A 10 -3.62 4.64 0.08
C CYS A 10 -4.81 5.45 0.56
N NH2 A 11 -5.48 4.97 1.60
HN1 NH2 A 11 -5.17 4.12 1.98
HN2 NH2 A 11 -6.26 5.47 1.92
N GLY A 1 8.24 -3.21 -3.65
CA GLY A 1 7.85 -3.52 -2.26
C GLY A 1 6.53 -2.89 -1.89
N PHE A 2 5.49 -3.69 -1.84
CA PHE A 2 4.17 -3.23 -1.48
C PHE A 2 3.86 -3.53 -0.04
N ARG A 3 3.08 -2.67 0.59
CA ARG A 3 2.72 -2.83 1.99
C ARG A 3 1.27 -2.37 2.16
N SER A 4 0.67 -2.62 3.31
CA SER A 4 -0.71 -2.21 3.50
C SER A 4 -0.79 -1.02 4.45
N PRO A 5 -1.67 -0.06 4.16
CA PRO A 5 -2.53 -0.09 2.97
C PRO A 5 -1.87 0.59 1.76
N CYS A 6 -0.80 1.34 2.01
CA CYS A 6 -0.14 2.10 0.94
C CYS A 6 1.23 1.48 0.60
N PRO A 7 1.48 1.12 -0.68
CA PRO A 7 0.51 1.22 -1.77
C PRO A 7 -0.27 -0.09 -2.00
N PRO A 8 -1.25 -0.09 -2.91
CA PRO A 8 -1.67 1.08 -3.67
C PRO A 8 -3.00 1.67 -3.17
N PHE A 9 -3.51 1.12 -2.07
CA PHE A 9 -4.79 1.56 -1.54
C PHE A 9 -4.59 2.59 -0.44
N CYS A 10 -4.28 3.80 -0.83
CA CYS A 10 -4.04 4.84 0.14
C CYS A 10 -4.99 6.01 -0.09
N NH2 A 11 -6.17 5.92 0.51
HN1 NH2 A 11 -6.35 5.12 1.06
HN2 NH2 A 11 -6.80 6.66 0.37
N GLY A 1 7.84 -0.84 -2.72
CA GLY A 1 7.20 -2.15 -2.53
C GLY A 1 5.74 -2.03 -2.23
N PHE A 2 5.00 -3.12 -2.40
CA PHE A 2 3.57 -3.13 -2.15
C PHE A 2 3.28 -3.72 -0.79
N ARG A 3 2.29 -3.18 -0.12
CA ARG A 3 1.98 -3.58 1.25
C ARG A 3 0.68 -2.92 1.70
N SER A 4 0.16 -3.29 2.86
CA SER A 4 -1.06 -2.70 3.33
C SER A 4 -0.78 -1.60 4.36
N PRO A 5 -1.47 -0.45 4.24
CA PRO A 5 -2.46 -0.21 3.19
C PRO A 5 -1.86 0.49 1.95
N CYS A 6 -0.73 1.16 2.12
CA CYS A 6 -0.15 1.94 1.01
C CYS A 6 1.22 1.42 0.62
N PRO A 7 1.47 1.18 -0.69
CA PRO A 7 0.47 1.33 -1.76
C PRO A 7 -0.21 -0.02 -2.07
N PRO A 8 -1.22 -0.04 -2.99
CA PRO A 8 -1.72 1.12 -3.69
C PRO A 8 -3.06 1.63 -3.14
N PHE A 9 -3.48 1.09 -2.01
CA PHE A 9 -4.75 1.48 -1.41
C PHE A 9 -4.53 2.58 -0.38
N CYS A 10 -4.40 3.80 -0.83
CA CYS A 10 -4.12 4.89 0.07
C CYS A 10 -4.89 6.14 -0.35
N NH2 A 11 -6.17 6.17 -0.05
HN1 NH2 A 11 -6.56 5.41 0.43
HN2 NH2 A 11 -6.69 6.97 -0.32
N GLY A 1 7.87 -3.15 -2.45
CA GLY A 1 6.83 -4.17 -2.28
C GLY A 1 5.49 -3.57 -1.98
N PHE A 2 4.46 -4.37 -2.06
CA PHE A 2 3.11 -3.89 -1.79
C PHE A 2 2.71 -4.27 -0.39
N ARG A 3 1.83 -3.49 0.19
CA ARG A 3 1.43 -3.71 1.58
C ARG A 3 0.26 -2.80 1.93
N SER A 4 -0.34 -3.00 3.09
CA SER A 4 -1.49 -2.21 3.47
C SER A 4 -1.09 -1.07 4.41
N PRO A 5 -1.69 0.11 4.23
CA PRO A 5 -2.64 0.38 3.18
C PRO A 5 -2.00 0.99 1.92
N CYS A 6 -0.74 1.39 2.04
CA CYS A 6 -0.07 2.07 0.92
C CYS A 6 1.29 1.44 0.62
N PRO A 7 1.55 1.09 -0.67
CA PRO A 7 0.58 1.23 -1.77
C PRO A 7 -0.24 -0.06 -1.98
N PRO A 8 -1.27 -0.03 -2.84
CA PRO A 8 -1.69 1.15 -3.57
C PRO A 8 -3.00 1.77 -3.05
N PHE A 9 -3.66 1.11 -2.11
CA PHE A 9 -4.96 1.56 -1.61
C PHE A 9 -4.79 2.61 -0.52
N CYS A 10 -4.19 3.73 -0.88
CA CYS A 10 -3.94 4.78 0.06
C CYS A 10 -4.97 5.89 -0.10
N NH2 A 11 -6.08 5.77 0.62
HN1 NH2 A 11 -6.16 4.99 1.20
HN2 NH2 A 11 -6.77 6.46 0.52
N GLY A 1 7.78 -2.00 -2.86
CA GLY A 1 7.16 -3.11 -2.10
C GLY A 1 5.68 -2.89 -1.91
N PHE A 2 5.05 -3.75 -1.14
CA PHE A 2 3.62 -3.65 -0.91
C PHE A 2 3.31 -3.87 0.56
N ARG A 3 2.65 -2.89 1.14
CA ARG A 3 2.32 -2.92 2.57
C ARG A 3 0.98 -2.22 2.77
N SER A 4 0.42 -2.27 3.97
CA SER A 4 -0.88 -1.67 4.20
C SER A 4 -0.73 -0.30 4.85
N PRO A 5 -1.53 0.69 4.42
CA PRO A 5 -2.49 0.52 3.35
C PRO A 5 -1.95 0.97 1.98
N CYS A 6 -0.82 1.66 2.00
CA CYS A 6 -0.23 2.22 0.76
C CYS A 6 1.15 1.61 0.51
N PRO A 7 1.43 1.11 -0.72
CA PRO A 7 0.46 1.06 -1.84
C PRO A 7 -0.34 -0.27 -1.85
N PRO A 8 -1.29 -0.46 -2.81
CA PRO A 8 -1.62 0.52 -3.85
C PRO A 8 -2.80 1.40 -3.46
N PHE A 9 -3.38 1.13 -2.30
CA PHE A 9 -4.47 1.91 -1.80
C PHE A 9 -3.89 2.99 -0.92
N CYS A 10 -4.71 3.94 -0.48
CA CYS A 10 -4.23 4.97 0.43
C CYS A 10 -5.37 5.93 0.80
N NH2 A 11 -6.11 5.59 1.84
HN1 NH2 A 11 -5.89 4.77 2.31
HN2 NH2 A 11 -6.85 6.18 2.09
N GLY A 1 8.54 -0.19 -2.20
CA GLY A 1 8.09 -1.36 -1.43
C GLY A 1 6.60 -1.39 -1.27
N PHE A 2 6.02 -2.58 -1.23
CA PHE A 2 4.60 -2.73 -1.09
C PHE A 2 4.24 -3.22 0.30
N ARG A 3 3.11 -2.75 0.80
CA ARG A 3 2.65 -3.04 2.14
C ARG A 3 1.25 -2.49 2.32
N SER A 4 0.58 -2.81 3.42
CA SER A 4 -0.75 -2.32 3.63
C SER A 4 -0.74 -1.09 4.53
N PRO A 5 -1.57 -0.09 4.22
CA PRO A 5 -2.46 -0.11 3.06
C PRO A 5 -1.84 0.53 1.80
N CYS A 6 -0.80 1.32 2.00
CA CYS A 6 -0.17 2.03 0.87
C CYS A 6 1.22 1.46 0.58
N PRO A 7 1.51 1.11 -0.68
CA PRO A 7 0.57 1.19 -1.81
C PRO A 7 -0.22 -0.12 -1.98
N PRO A 8 -1.22 -0.15 -2.88
CA PRO A 8 -1.64 1.00 -3.67
C PRO A 8 -2.95 1.65 -3.16
N PHE A 9 -3.50 1.11 -2.07
CA PHE A 9 -4.76 1.62 -1.53
C PHE A 9 -4.48 2.64 -0.45
N CYS A 10 -4.43 3.89 -0.83
CA CYS A 10 -4.11 4.93 0.12
C CYS A 10 -5.13 6.06 0.04
N NH2 A 11 -6.13 6.00 0.89
HN1 NH2 A 11 -6.16 5.25 1.53
HN2 NH2 A 11 -6.81 6.71 0.87
N GLY A 1 7.89 -1.73 -2.90
CA GLY A 1 7.38 -2.72 -1.94
C GLY A 1 5.95 -2.44 -1.53
N PHE A 2 5.21 -3.48 -1.17
CA PHE A 2 3.82 -3.33 -0.77
C PHE A 2 3.68 -3.31 0.74
N ARG A 3 2.83 -2.44 1.22
CA ARG A 3 2.62 -2.26 2.65
C ARG A 3 1.16 -1.84 2.90
N SER A 4 0.74 -1.77 4.15
CA SER A 4 -0.62 -1.39 4.46
C SER A 4 -0.66 0.02 5.05
N PRO A 5 -1.54 0.90 4.53
CA PRO A 5 -2.43 0.61 3.42
C PRO A 5 -1.86 1.07 2.08
N CYS A 6 -0.68 1.67 2.10
CA CYS A 6 -0.09 2.22 0.88
C CYS A 6 1.25 1.55 0.59
N PRO A 7 1.48 1.09 -0.65
CA PRO A 7 0.49 1.16 -1.75
C PRO A 7 -0.38 -0.11 -1.82
N PRO A 8 -1.34 -0.17 -2.79
CA PRO A 8 -1.65 0.93 -3.69
C PRO A 8 -2.99 1.61 -3.33
N PHE A 9 -3.62 1.18 -2.25
CA PHE A 9 -4.89 1.74 -1.84
C PHE A 9 -4.68 2.65 -0.64
N CYS A 10 -4.13 3.81 -0.89
CA CYS A 10 -3.83 4.75 0.14
C CYS A 10 -5.05 5.61 0.44
N NH2 A 11 -5.86 5.19 1.39
HN1 NH2 A 11 -5.62 4.37 1.87
HN2 NH2 A 11 -6.66 5.71 1.59
N GLY A 1 7.66 -2.53 -3.14
CA GLY A 1 6.93 -3.60 -2.41
C GLY A 1 5.58 -3.13 -1.95
N PHE A 2 4.63 -4.04 -1.90
CA PHE A 2 3.27 -3.71 -1.52
C PHE A 2 3.02 -4.05 -0.08
N ARG A 3 2.13 -3.30 0.55
CA ARG A 3 1.86 -3.47 1.97
C ARG A 3 0.67 -2.60 2.36
N SER A 4 0.19 -2.73 3.59
CA SER A 4 -0.95 -1.96 4.01
C SER A 4 -0.48 -0.74 4.80
N PRO A 5 -1.16 0.40 4.62
CA PRO A 5 -2.28 0.54 3.69
C PRO A 5 -1.84 1.02 2.31
N CYS A 6 -0.60 1.47 2.20
CA CYS A 6 -0.11 2.03 0.95
C CYS A 6 1.26 1.45 0.61
N PRO A 7 1.51 1.11 -0.68
CA PRO A 7 0.53 1.22 -1.77
C PRO A 7 -0.29 -0.08 -1.95
N PRO A 8 -1.28 -0.10 -2.86
CA PRO A 8 -1.68 1.04 -3.66
C PRO A 8 -3.03 1.65 -3.23
N PHE A 9 -3.58 1.15 -2.14
CA PHE A 9 -4.88 1.63 -1.66
C PHE A 9 -4.69 2.64 -0.55
N CYS A 10 -4.24 3.81 -0.90
CA CYS A 10 -3.96 4.83 0.07
C CYS A 10 -5.08 5.86 0.11
N NH2 A 11 -5.97 5.73 1.07
HN1 NH2 A 11 -5.85 4.99 1.70
HN2 NH2 A 11 -6.71 6.36 1.11
N GLY A 1 8.74 -1.18 -1.43
CA GLY A 1 7.89 -2.29 -1.92
C GLY A 1 6.43 -2.06 -1.60
N PHE A 2 5.61 -3.08 -1.78
CA PHE A 2 4.20 -2.97 -1.52
C PHE A 2 3.85 -3.53 -0.17
N ARG A 3 2.81 -2.97 0.42
CA ARG A 3 2.36 -3.36 1.73
C ARG A 3 1.04 -2.66 2.04
N SER A 4 0.38 -3.01 3.13
CA SER A 4 -0.91 -2.43 3.41
C SER A 4 -0.79 -1.28 4.40
N PRO A 5 -1.57 -0.21 4.18
CA PRO A 5 -2.49 -0.11 3.05
C PRO A 5 -1.86 0.58 1.83
N CYS A 6 -0.76 1.27 2.03
CA CYS A 6 -0.13 2.03 0.94
C CYS A 6 1.24 1.46 0.60
N PRO A 7 1.50 1.13 -0.69
CA PRO A 7 0.53 1.24 -1.78
C PRO A 7 -0.23 -0.08 -2.00
N PRO A 8 -1.23 -0.10 -2.90
CA PRO A 8 -1.67 1.05 -3.67
C PRO A 8 -2.99 1.65 -3.15
N PHE A 9 -3.52 1.11 -2.08
CA PHE A 9 -4.79 1.57 -1.53
C PHE A 9 -4.55 2.61 -0.44
N CYS A 10 -4.37 3.84 -0.84
CA CYS A 10 -4.09 4.89 0.12
C CYS A 10 -5.02 6.07 -0.10
N NH2 A 11 -6.15 6.06 0.57
HN1 NH2 A 11 -6.32 5.31 1.18
HN2 NH2 A 11 -6.77 6.81 0.44
N GLY A 1 8.37 -1.17 -3.17
CA GLY A 1 7.74 -2.42 -2.70
C GLY A 1 6.29 -2.21 -2.30
N PHE A 2 5.67 -3.25 -1.79
CA PHE A 2 4.28 -3.19 -1.40
C PHE A 2 4.12 -3.47 0.07
N ARG A 3 3.02 -3.00 0.63
CA ARG A 3 2.70 -3.17 2.03
C ARG A 3 1.29 -2.64 2.30
N SER A 4 0.73 -2.87 3.48
CA SER A 4 -0.61 -2.43 3.77
C SER A 4 -0.61 -1.15 4.60
N PRO A 5 -1.49 -0.17 4.26
CA PRO A 5 -2.38 -0.26 3.12
C PRO A 5 -1.78 0.41 1.86
N CYS A 6 -0.76 1.23 2.05
CA CYS A 6 -0.16 1.96 0.93
C CYS A 6 1.22 1.41 0.59
N PRO A 7 1.50 1.12 -0.69
CA PRO A 7 0.54 1.25 -1.79
C PRO A 7 -0.22 -0.06 -2.03
N PRO A 8 -1.23 -0.08 -2.93
CA PRO A 8 -1.68 1.10 -3.66
C PRO A 8 -2.98 1.69 -3.09
N PHE A 9 -3.49 1.08 -2.04
CA PHE A 9 -4.74 1.53 -1.44
C PHE A 9 -4.46 2.58 -0.40
N CYS A 10 -4.47 3.84 -0.82
CA CYS A 10 -4.16 4.92 0.08
C CYS A 10 -5.02 6.14 -0.22
N NH2 A 11 -6.19 6.20 0.37
HN1 NH2 A 11 -6.43 5.47 0.99
HN2 NH2 A 11 -6.76 6.97 0.20
N GLY A 1 7.89 -4.01 -3.16
CA GLY A 1 7.28 -4.49 -1.91
C GLY A 1 5.93 -3.85 -1.67
N PHE A 2 5.08 -4.55 -0.95
CA PHE A 2 3.75 -4.05 -0.67
C PHE A 2 3.49 -4.03 0.82
N ARG A 3 2.52 -3.22 1.23
CA ARG A 3 2.18 -3.09 2.64
C ARG A 3 0.92 -2.24 2.80
N SER A 4 0.35 -2.18 4.00
CA SER A 4 -0.86 -1.43 4.21
C SER A 4 -0.54 -0.08 4.85
N PRO A 5 -1.32 0.96 4.54
CA PRO A 5 -2.41 0.89 3.58
C PRO A 5 -1.99 1.32 2.17
N CYS A 6 -0.75 1.75 2.05
CA CYS A 6 -0.23 2.26 0.76
C CYS A 6 1.15 1.66 0.50
N PRO A 7 1.43 1.12 -0.71
CA PRO A 7 0.47 1.03 -1.84
C PRO A 7 -0.38 -0.26 -1.78
N PRO A 8 -1.33 -0.48 -2.74
CA PRO A 8 -1.63 0.45 -3.83
C PRO A 8 -2.76 1.41 -3.48
N PHE A 9 -3.46 1.12 -2.40
CA PHE A 9 -4.52 1.98 -1.91
C PHE A 9 -3.90 3.04 -1.03
N CYS A 10 -4.70 3.93 -0.49
CA CYS A 10 -4.19 4.92 0.44
C CYS A 10 -5.33 5.79 0.98
N NH2 A 11 -5.94 5.35 2.07
HN1 NH2 A 11 -5.62 4.51 2.47
HN2 NH2 A 11 -6.68 5.87 2.43
N GLY A 1 7.63 -2.81 -3.17
CA GLY A 1 7.26 -2.58 -1.76
C GLY A 1 5.77 -2.38 -1.60
N PHE A 2 5.08 -3.45 -1.25
CA PHE A 2 3.64 -3.42 -1.05
C PHE A 2 3.30 -3.72 0.38
N ARG A 3 2.31 -3.01 0.89
CA ARG A 3 1.88 -3.15 2.28
C ARG A 3 0.61 -2.35 2.50
N SER A 4 -0.01 -2.48 3.67
CA SER A 4 -1.25 -1.78 3.95
C SER A 4 -0.98 -0.53 4.77
N PRO A 5 -1.68 0.59 4.45
CA PRO A 5 -2.62 0.66 3.34
C PRO A 5 -1.99 1.27 2.08
N CYS A 6 -0.71 1.56 2.14
CA CYS A 6 -0.04 2.20 1.00
C CYS A 6 1.26 1.50 0.65
N PRO A 7 1.46 1.11 -0.63
CA PRO A 7 0.47 1.27 -1.71
C PRO A 7 -0.34 -0.03 -1.95
N PRO A 8 -1.33 -0.03 -2.88
CA PRO A 8 -1.72 1.13 -3.65
C PRO A 8 -3.08 1.72 -3.20
N PHE A 9 -3.67 1.12 -2.18
CA PHE A 9 -4.99 1.55 -1.70
C PHE A 9 -4.83 2.62 -0.62
N CYS A 10 -4.03 3.62 -0.90
CA CYS A 10 -3.74 4.65 0.07
C CYS A 10 -4.82 5.72 0.06
N NH2 A 11 -5.88 5.51 0.80
HN1 NH2 A 11 -5.91 4.67 1.33
HN2 NH2 A 11 -6.59 6.18 0.82
N GLY A 1 7.08 -2.63 -3.93
CA GLY A 1 6.79 -2.94 -2.52
C GLY A 1 5.36 -2.62 -2.15
N PHE A 2 4.49 -3.62 -2.24
CA PHE A 2 3.08 -3.43 -1.94
C PHE A 2 2.78 -3.91 -0.54
N ARG A 3 2.00 -3.13 0.19
CA ARG A 3 1.74 -3.42 1.60
C ARG A 3 0.65 -2.49 2.13
N SER A 4 0.21 -2.71 3.36
CA SER A 4 -0.83 -1.88 3.92
C SER A 4 -0.22 -0.80 4.82
N PRO A 5 -0.80 0.41 4.83
CA PRO A 5 -2.00 0.73 4.04
C PRO A 5 -1.68 1.15 2.60
N CYS A 6 -0.42 1.46 2.33
CA CYS A 6 -0.03 1.96 1.00
C CYS A 6 1.33 1.40 0.61
N PRO A 7 1.55 1.12 -0.69
CA PRO A 7 0.52 1.25 -1.75
C PRO A 7 -0.28 -0.05 -1.94
N PRO A 8 -1.29 -0.08 -2.84
CA PRO A 8 -1.70 1.08 -3.63
C PRO A 8 -2.98 1.76 -3.12
N PHE A 9 -3.72 1.08 -2.24
CA PHE A 9 -4.97 1.61 -1.72
C PHE A 9 -4.68 2.60 -0.60
N CYS A 10 -4.38 3.81 -0.95
CA CYS A 10 -4.01 4.81 0.02
C CYS A 10 -5.03 5.94 0.04
N NH2 A 11 -6.06 5.79 0.86
HN1 NH2 A 11 -6.10 4.97 1.40
HN2 NH2 A 11 -6.74 6.49 0.89
N GLY A 1 8.08 -2.61 -2.85
CA GLY A 1 7.53 -3.25 -1.64
C GLY A 1 6.16 -2.73 -1.29
N PHE A 2 5.21 -3.62 -1.14
CA PHE A 2 3.84 -3.24 -0.83
C PHE A 2 3.54 -3.39 0.65
N ARG A 3 2.76 -2.46 1.18
CA ARG A 3 2.38 -2.45 2.59
C ARG A 3 0.90 -2.07 2.70
N SER A 4 0.32 -2.17 3.88
CA SER A 4 -1.07 -1.83 4.04
C SER A 4 -1.23 -0.49 4.75
N PRO A 5 -2.03 0.44 4.21
CA PRO A 5 -2.74 0.26 2.95
C PRO A 5 -2.01 0.93 1.77
N CYS A 6 -0.84 1.48 2.05
CA CYS A 6 -0.09 2.21 1.01
C CYS A 6 1.22 1.51 0.65
N PRO A 7 1.43 1.15 -0.63
CA PRO A 7 0.45 1.32 -1.72
C PRO A 7 -0.31 0.00 -1.99
N PRO A 8 -1.29 -0.02 -2.93
CA PRO A 8 -1.73 1.14 -3.69
C PRO A 8 -3.13 1.63 -3.24
N PHE A 9 -3.58 1.17 -2.09
CA PHE A 9 -4.91 1.51 -1.60
C PHE A 9 -4.84 2.63 -0.56
N CYS A 10 -3.94 3.56 -0.78
CA CYS A 10 -3.75 4.66 0.15
C CYS A 10 -4.75 5.77 -0.13
N NH2 A 11 -5.90 5.70 0.52
HN1 NH2 A 11 -6.04 4.96 1.14
HN2 NH2 A 11 -6.57 6.40 0.36
N GLY A 1 7.85 -0.94 -1.43
CA GLY A 1 7.32 -2.21 -0.89
C GLY A 1 5.82 -2.18 -0.76
N PHE A 2 5.20 -3.33 -0.66
CA PHE A 2 3.75 -3.43 -0.56
C PHE A 2 3.34 -3.63 0.87
N ARG A 3 2.59 -2.69 1.37
CA ARG A 3 2.18 -2.69 2.77
C ARG A 3 0.82 -2.02 2.88
N SER A 4 0.20 -2.06 4.06
CA SER A 4 -1.09 -1.46 4.23
C SER A 4 -0.96 -0.09 4.88
N PRO A 5 -1.72 0.91 4.42
CA PRO A 5 -2.66 0.75 3.31
C PRO A 5 -2.05 1.15 1.95
N CYS A 6 -0.90 1.79 1.98
CA CYS A 6 -0.28 2.32 0.75
C CYS A 6 1.08 1.66 0.51
N PRO A 7 1.36 1.11 -0.70
CA PRO A 7 0.41 1.06 -1.83
C PRO A 7 -0.37 -0.29 -1.84
N PRO A 8 -1.29 -0.51 -2.84
CA PRO A 8 -1.62 0.45 -3.89
C PRO A 8 -2.84 1.29 -3.55
N PHE A 9 -3.29 1.17 -2.33
CA PHE A 9 -4.40 1.96 -1.83
C PHE A 9 -3.83 3.05 -0.97
N CYS A 10 -4.66 3.91 -0.42
CA CYS A 10 -4.16 4.95 0.48
C CYS A 10 -5.32 5.80 0.99
N NH2 A 11 -5.80 5.47 2.17
HN1 NH2 A 11 -5.40 4.72 2.65
HN2 NH2 A 11 -6.56 5.99 2.52
N GLY A 1 8.50 -2.32 -1.96
CA GLY A 1 7.45 -3.35 -2.00
C GLY A 1 6.09 -2.77 -1.70
N PHE A 2 5.08 -3.57 -1.86
CA PHE A 2 3.72 -3.16 -1.62
C PHE A 2 3.24 -3.64 -0.28
N ARG A 3 2.22 -3.01 0.25
CA ARG A 3 1.70 -3.35 1.56
C ARG A 3 0.39 -2.59 1.84
N SER A 4 -0.29 -2.92 2.93
CA SER A 4 -1.53 -2.26 3.23
C SER A 4 -1.34 -1.17 4.28
N PRO A 5 -1.98 0.00 4.09
CA PRO A 5 -2.82 0.26 2.93
C PRO A 5 -2.05 0.94 1.78
N CYS A 6 -0.85 1.40 2.05
CA CYS A 6 -0.10 2.14 1.02
C CYS A 6 1.22 1.45 0.67
N PRO A 7 1.44 1.13 -0.63
CA PRO A 7 0.49 1.32 -1.73
C PRO A 7 -0.27 0.01 -2.06
N PRO A 8 -1.28 0.05 -2.97
CA PRO A 8 -1.76 1.26 -3.63
C PRO A 8 -3.13 1.72 -3.10
N PHE A 9 -3.58 1.13 -2.02
CA PHE A 9 -4.91 1.43 -1.47
C PHE A 9 -4.84 2.60 -0.50
N CYS A 10 -3.99 3.55 -0.81
CA CYS A 10 -3.80 4.69 0.05
C CYS A 10 -4.74 5.83 -0.33
N NH2 A 11 -5.84 5.95 0.40
HN1 NH2 A 11 -5.98 5.32 1.15
HN2 NH2 A 11 -6.47 6.67 0.17
N GLY A 1 8.62 -0.88 -2.27
CA GLY A 1 8.19 -1.31 -0.93
C GLY A 1 6.69 -1.21 -0.75
N PHE A 2 6.03 -2.34 -0.73
CA PHE A 2 4.59 -2.37 -0.55
C PHE A 2 4.22 -2.70 0.88
N ARG A 3 3.28 -1.92 1.41
CA ARG A 3 2.83 -2.09 2.79
C ARG A 3 1.32 -1.87 2.81
N SER A 4 0.67 -2.10 3.93
CA SER A 4 -0.75 -1.94 3.99
C SER A 4 -1.11 -0.65 4.72
N PRO A 5 -2.01 0.18 4.14
CA PRO A 5 -2.63 -0.08 2.85
C PRO A 5 -1.93 0.66 1.70
N CYS A 6 -0.81 1.32 2.01
CA CYS A 6 -0.10 2.11 1.00
C CYS A 6 1.24 1.48 0.63
N PRO A 7 1.47 1.17 -0.67
CA PRO A 7 0.49 1.33 -1.75
C PRO A 7 -0.29 0.02 -1.97
N PRO A 8 -1.28 0.01 -2.88
CA PRO A 8 -1.74 1.17 -3.62
C PRO A 8 -3.09 1.72 -3.12
N PHE A 9 -3.60 1.13 -2.06
CA PHE A 9 -4.92 1.48 -1.54
C PHE A 9 -4.83 2.60 -0.51
N CYS A 10 -4.04 3.60 -0.82
CA CYS A 10 -3.85 4.71 0.10
C CYS A 10 -4.77 5.87 -0.27
N NH2 A 11 -5.99 5.82 0.21
HN1 NH2 A 11 -6.23 5.06 0.77
HN2 NH2 A 11 -6.61 6.54 -0.02
#